data_6U0Z
#
_entry.id   6U0Z
#
_cell.length_a   104.759
_cell.length_b   104.759
_cell.length_c   98.434
_cell.angle_alpha   90.000
_cell.angle_beta   90.000
_cell.angle_gamma   120.000
#
_symmetry.space_group_name_H-M   'P 64 2 2'
#
loop_
_entity.id
_entity.type
_entity.pdbx_description
1 polymer 'Putative metallo-beta-lactamase l1 (Beta-lactamase type ii) (Ec 3.5.2.6) (Penicillinase)'
2 branched beta-D-fructofuranose-(2-1)-alpha-D-glucopyranose
3 non-polymer 'SULFATE ION'
4 non-polymer DI(HYDROXYETHYL)ETHER
5 non-polymer 'ZINC ION'
6 non-polymer '(2R,4S)-2-{(R)-carboxy[(phenylacetyl)amino]methyl}-5,5-dimethyl-1,3-thiazolidine-4-carboxylic acid'
7 water water
#
_entity_poly.entity_id   1
_entity_poly.type   'polypeptide(L)'
_entity_poly.pdbx_seq_one_letter_code
;SNASAAEAPLPQLRAYTVDASWLQPMAPLQVADHTWQIGTEDLTALLVQTAEGAVLLDGGMPQMAGHLLDNMKLRGVAPQ
DLRLILLSHAHADHAGPVAELKRRTGAHVAANAETAVLLARGGSNDLHFGDGITYPPASADRIIMDGEVVTVGGIAFTAH
FMPGHTPGSTAWTWTDTRDGKPVRIAYADSLSAPGYQLKGNPRYPRLIEDYKRSFATVRALPCDLLLTPHPGASNWNYAV
GSKASAEALTCNAYADAAEKKFDAQLARETAGTR
;
_entity_poly.pdbx_strand_id   A
#
loop_
_chem_comp.id
_chem_comp.type
_chem_comp.name
_chem_comp.formula
FRU D-saccharide, beta linking beta-D-fructofuranose 'C6 H12 O6'
GLC D-saccharide, alpha linking alpha-D-glucopyranose 'C6 H12 O6'
PEG non-polymer DI(HYDROXYETHYL)ETHER 'C4 H10 O3'
PNK non-polymer '(2R,4S)-2-{(R)-carboxy[(phenylacetyl)amino]methyl}-5,5-dimethyl-1,3-thiazolidine-4-carboxylic acid' 'C16 H20 N2 O5 S'
SO4 non-polymer 'SULFATE ION' 'O4 S -2'
ZN non-polymer 'ZINC ION' 'Zn 2'
#
# COMPACT_ATOMS: atom_id res chain seq x y z
N GLU A 7 38.57 2.00 -21.23
CA GLU A 7 38.81 3.38 -20.80
C GLU A 7 37.84 3.76 -19.68
N ALA A 8 36.58 3.95 -20.03
CA ALA A 8 35.57 4.23 -19.04
C ALA A 8 35.26 2.97 -18.23
N PRO A 9 35.25 3.04 -16.91
CA PRO A 9 34.77 1.89 -16.13
C PRO A 9 33.26 1.79 -16.22
N LEU A 10 32.74 0.63 -15.85
CA LEU A 10 31.31 0.45 -15.77
C LEU A 10 30.75 1.41 -14.71
N PRO A 11 29.49 1.83 -14.85
CA PRO A 11 28.93 2.79 -13.90
C PRO A 11 28.79 2.20 -12.51
N GLN A 12 28.89 3.08 -11.51
CA GLN A 12 28.60 2.67 -10.14
C GLN A 12 27.12 2.38 -9.98
N LEU A 13 26.81 1.52 -9.01
CA LEU A 13 25.42 1.31 -8.64
C LEU A 13 24.82 2.61 -8.13
N ARG A 14 23.53 2.82 -8.42
CA ARG A 14 22.82 4.02 -8.02
C ARG A 14 21.77 3.67 -7.00
N ALA A 15 21.72 4.43 -5.91
CA ALA A 15 20.74 4.19 -4.87
C ALA A 15 19.37 4.72 -5.27
N TYR A 16 18.34 4.08 -4.74
CA TYR A 16 16.97 4.55 -4.87
C TYR A 16 16.77 5.70 -3.88
N THR A 17 16.78 6.93 -4.39
CA THR A 17 16.58 8.10 -3.55
C THR A 17 15.23 8.73 -3.84
N VAL A 18 14.63 9.34 -2.82
CA VAL A 18 13.25 9.81 -2.87
C VAL A 18 13.16 11.19 -2.25
N ASP A 19 12.02 11.84 -2.48
CA ASP A 19 11.78 13.14 -1.88
C ASP A 19 11.88 13.07 -0.37
N ALA A 20 12.44 14.13 0.23
CA ALA A 20 12.62 14.13 1.68
C ALA A 20 11.32 13.88 2.44
N SER A 21 10.19 14.39 1.92
CA SER A 21 8.93 14.23 2.64
C SER A 21 8.53 12.77 2.75
N TRP A 22 8.97 11.92 1.82
CA TRP A 22 8.67 10.49 1.92
C TRP A 22 9.39 9.84 3.09
N LEU A 23 10.46 10.49 3.58
CA LEU A 23 11.27 9.99 4.67
C LEU A 23 11.11 10.82 5.94
N GLN A 24 10.09 11.67 6.02
CA GLN A 24 9.92 12.57 7.16
C GLN A 24 9.05 11.91 8.22
N PRO A 25 9.61 11.47 9.34
CA PRO A 25 8.80 10.75 10.33
C PRO A 25 7.68 11.61 10.88
N MET A 26 6.56 10.95 11.22
CA MET A 26 5.45 11.61 11.88
C MET A 26 4.97 10.74 13.05
N ALA A 27 4.40 11.40 14.05
CA ALA A 27 3.74 10.71 15.14
C ALA A 27 2.49 10.01 14.63
N PRO A 28 1.98 9.02 15.35
CA PRO A 28 0.77 8.33 14.91
C PRO A 28 -0.41 9.29 14.74
N LEU A 29 -1.12 9.13 13.63
CA LEU A 29 -2.29 9.94 13.29
C LEU A 29 -3.51 9.03 13.25
N GLN A 30 -4.50 9.30 14.10
CA GLN A 30 -5.67 8.43 14.14
C GLN A 30 -6.56 8.64 12.93
N VAL A 31 -6.92 7.54 12.29
CA VAL A 31 -7.79 7.53 11.11
C VAL A 31 -9.20 7.10 11.49
N ALA A 32 -9.32 6.12 12.37
CA ALA A 32 -10.60 5.69 12.93
C ALA A 32 -10.31 5.06 14.28
N ASP A 33 -11.32 4.46 14.90
CA ASP A 33 -11.17 4.01 16.28
C ASP A 33 -9.98 3.08 16.46
N HIS A 34 -9.78 2.14 15.53
CA HIS A 34 -8.70 1.16 15.64
C HIS A 34 -7.55 1.38 14.68
N THR A 35 -7.60 2.41 13.83
CA THR A 35 -6.71 2.51 12.67
C THR A 35 -5.87 3.78 12.75
N TRP A 36 -4.55 3.65 12.57
CA TRP A 36 -3.61 4.75 12.73
C TRP A 36 -2.63 4.82 11.56
N GLN A 37 -2.37 6.02 11.05
CA GLN A 37 -1.25 6.22 10.13
C GLN A 37 0.03 6.39 10.94
N ILE A 38 1.02 5.53 10.70
CA ILE A 38 2.22 5.52 11.54
C ILE A 38 3.49 5.60 10.69
N GLY A 39 3.34 5.92 9.41
CA GLY A 39 4.48 6.03 8.53
C GLY A 39 5.13 7.40 8.53
N THR A 40 5.36 7.95 7.35
CA THR A 40 5.94 9.27 7.21
C THR A 40 4.92 10.25 6.65
N GLU A 41 5.34 11.51 6.52
CA GLU A 41 4.42 12.53 6.02
C GLU A 41 3.88 12.18 4.64
N ASP A 42 4.65 11.44 3.83
CA ASP A 42 4.27 11.20 2.44
C ASP A 42 4.27 9.73 2.06
N LEU A 43 4.34 8.80 3.01
CA LEU A 43 4.15 7.38 2.73
C LEU A 43 3.25 6.78 3.79
N THR A 44 2.21 6.08 3.35
CA THR A 44 1.25 5.50 4.25
C THR A 44 1.77 4.20 4.86
N ALA A 45 1.54 4.03 6.15
CA ALA A 45 1.72 2.73 6.80
C ALA A 45 0.65 2.67 7.86
N LEU A 46 -0.34 1.77 7.71
CA LEU A 46 -1.50 1.78 8.59
C LEU A 46 -1.39 0.70 9.64
N LEU A 47 -1.57 1.09 10.90
CA LEU A 47 -1.60 0.14 12.01
C LEU A 47 -3.06 -0.03 12.45
N VAL A 48 -3.55 -1.27 12.44
CA VAL A 48 -4.90 -1.56 12.95
C VAL A 48 -4.75 -2.39 14.21
N GLN A 49 -5.24 -1.88 15.33
CA GLN A 49 -5.05 -2.49 16.64
C GLN A 49 -6.31 -3.22 17.07
N THR A 50 -6.17 -4.51 17.40
CA THR A 50 -7.30 -5.30 17.85
C THR A 50 -7.02 -5.90 19.23
N ALA A 51 -8.06 -6.51 19.80
CA ALA A 51 -7.89 -7.17 21.08
C ALA A 51 -6.87 -8.30 21.02
N GLU A 52 -6.71 -8.92 19.85
CA GLU A 52 -5.85 -10.09 19.71
C GLU A 52 -4.58 -9.79 18.93
N GLY A 53 -4.15 -8.54 18.87
CA GLY A 53 -2.93 -8.15 18.20
C GLY A 53 -3.18 -7.13 17.11
N ALA A 54 -2.10 -6.76 16.43
CA ALA A 54 -2.13 -5.67 15.48
C ALA A 54 -1.83 -6.14 14.06
N VAL A 55 -2.35 -5.39 13.09
CA VAL A 55 -2.09 -5.60 11.68
C VAL A 55 -1.40 -4.36 11.14
N LEU A 56 -0.40 -4.54 10.28
CA LEU A 56 0.26 -3.44 9.60
C LEU A 56 -0.03 -3.56 8.11
N LEU A 57 -0.55 -2.49 7.50
CA LEU A 57 -0.77 -2.44 6.05
C LEU A 57 0.28 -1.48 5.47
N ASP A 58 1.27 -2.05 4.80
CA ASP A 58 2.44 -1.37 4.22
C ASP A 58 3.43 -0.86 5.27
N GLY A 59 4.68 -0.69 4.86
CA GLY A 59 5.68 -0.18 5.77
C GLY A 59 6.49 0.98 5.22
N GLY A 60 6.27 1.33 3.95
CA GLY A 60 7.05 2.42 3.40
C GLY A 60 8.41 1.98 2.89
N MET A 61 9.42 2.84 3.07
CA MET A 61 10.77 2.61 2.59
C MET A 61 11.56 1.68 3.51
N PRO A 62 12.63 1.06 3.01
CA PRO A 62 13.41 0.15 3.86
C PRO A 62 13.89 0.79 5.14
N GLN A 63 14.23 2.09 5.12
CA GLN A 63 14.83 2.67 6.32
C GLN A 63 13.80 3.07 7.37
N MET A 64 12.52 2.80 7.13
CA MET A 64 11.47 3.16 8.05
C MET A 64 11.20 2.11 9.14
N ALA A 65 11.91 0.98 9.13
CA ALA A 65 11.55 -0.11 10.04
C ALA A 65 11.58 0.35 11.50
N GLY A 66 12.66 1.03 11.90
CA GLY A 66 12.78 1.44 13.29
C GLY A 66 11.71 2.44 13.68
N HIS A 67 11.40 3.37 12.77
CA HIS A 67 10.36 4.35 13.04
C HIS A 67 9.00 3.68 13.23
N LEU A 68 8.70 2.69 12.40
CA LEU A 68 7.44 1.96 12.54
C LEU A 68 7.35 1.29 13.91
N LEU A 69 8.45 0.64 14.33
CA LEU A 69 8.44 -0.03 15.63
C LEU A 69 8.28 0.98 16.76
N ASP A 70 8.92 2.15 16.62
CA ASP A 70 8.76 3.22 17.60
C ASP A 70 7.30 3.65 17.73
N ASN A 71 6.63 3.86 16.59
CA ASN A 71 5.23 4.30 16.64
C ASN A 71 4.33 3.19 17.15
N MET A 72 4.63 1.93 16.79
CA MET A 72 3.88 0.82 17.39
C MET A 72 3.99 0.86 18.91
N LYS A 73 5.21 1.09 19.43
CA LYS A 73 5.39 1.16 20.88
C LYS A 73 4.61 2.32 21.48
N LEU A 74 4.58 3.46 20.80
CA LEU A 74 3.76 4.57 21.29
C LEU A 74 2.29 4.19 21.36
N ARG A 75 1.81 3.35 20.43
CA ARG A 75 0.42 2.91 20.43
C ARG A 75 0.15 1.76 21.40
N GLY A 76 1.17 1.28 22.09
CA GLY A 76 1.00 0.15 22.99
C GLY A 76 1.19 -1.21 22.35
N VAL A 77 1.70 -1.25 21.13
CA VAL A 77 1.91 -2.51 20.40
C VAL A 77 3.38 -2.88 20.53
N ALA A 78 3.66 -3.90 21.34
CA ALA A 78 5.01 -4.43 21.42
C ALA A 78 5.34 -5.18 20.14
N PRO A 79 6.62 -5.35 19.81
CA PRO A 79 6.95 -6.06 18.56
C PRO A 79 6.23 -7.40 18.43
N GLN A 80 6.19 -8.21 19.50
CA GLN A 80 5.54 -9.50 19.41
C GLN A 80 4.02 -9.41 19.26
N ASP A 81 3.43 -8.22 19.45
CA ASP A 81 2.00 -8.03 19.27
C ASP A 81 1.61 -7.83 17.81
N LEU A 82 2.57 -7.58 16.92
CA LEU A 82 2.26 -7.45 15.50
C LEU A 82 2.05 -8.84 14.93
N ARG A 83 0.83 -9.12 14.50
N ARG A 83 0.84 -9.11 14.47
CA ARG A 83 0.45 -10.45 14.03
CA ARG A 83 0.49 -10.45 14.03
C ARG A 83 0.63 -10.61 12.53
C ARG A 83 0.55 -10.63 12.53
N LEU A 84 0.31 -9.57 11.76
CA LEU A 84 0.11 -9.74 10.32
C LEU A 84 0.54 -8.48 9.59
N ILE A 85 1.21 -8.67 8.45
CA ILE A 85 1.56 -7.59 7.52
C ILE A 85 0.83 -7.86 6.22
N LEU A 86 0.11 -6.85 5.75
CA LEU A 86 -0.57 -6.85 4.46
C LEU A 86 0.07 -5.76 3.62
N LEU A 87 0.00 -5.91 2.29
CA LEU A 87 0.66 -4.97 1.38
C LEU A 87 -0.29 -4.48 0.30
N SER A 88 -0.11 -3.22 -0.09
CA SER A 88 -0.72 -2.73 -1.32
C SER A 88 -0.02 -3.32 -2.54
N HIS A 89 1.29 -3.06 -2.66
CA HIS A 89 2.10 -3.71 -3.69
C HIS A 89 3.55 -3.73 -3.25
N ALA A 90 4.31 -4.62 -3.87
CA ALA A 90 5.65 -4.95 -3.38
C ALA A 90 6.75 -4.15 -4.09
N HIS A 91 6.61 -2.82 -4.10
CA HIS A 91 7.69 -1.93 -4.48
C HIS A 91 8.45 -1.43 -3.25
N ALA A 92 9.67 -0.96 -3.48
CA ALA A 92 10.55 -0.58 -2.38
C ALA A 92 9.98 0.50 -1.48
N ASP A 93 9.14 1.39 -2.02
CA ASP A 93 8.62 2.49 -1.21
C ASP A 93 7.36 2.13 -0.43
N HIS A 94 6.92 0.88 -0.48
CA HIS A 94 5.77 0.43 0.29
C HIS A 94 6.04 -0.84 1.07
N ALA A 95 6.84 -1.76 0.51
CA ALA A 95 7.22 -3.00 1.18
C ALA A 95 8.67 -2.98 1.66
N GLY A 96 9.35 -1.85 1.54
CA GLY A 96 10.76 -1.76 1.86
C GLY A 96 11.23 -2.46 3.12
N PRO A 97 10.56 -2.23 4.26
CA PRO A 97 11.07 -2.78 5.53
C PRO A 97 10.46 -4.11 5.95
N VAL A 98 9.74 -4.81 5.05
CA VAL A 98 9.01 -6.00 5.46
C VAL A 98 9.95 -7.08 6.01
N ALA A 99 11.08 -7.33 5.33
CA ALA A 99 11.99 -8.37 5.81
C ALA A 99 12.45 -8.09 7.24
N GLU A 100 12.86 -6.85 7.51
CA GLU A 100 13.33 -6.49 8.84
C GLU A 100 12.20 -6.56 9.86
N LEU A 101 11.00 -6.10 9.48
CA LEU A 101 9.88 -6.17 10.41
C LEU A 101 9.57 -7.62 10.78
N LYS A 102 9.60 -8.53 9.79
CA LYS A 102 9.36 -9.94 10.12
C LYS A 102 10.41 -10.45 11.10
N ARG A 103 11.68 -10.07 10.91
CA ARG A 103 12.71 -10.56 11.82
C ARG A 103 12.54 -10.02 13.24
N ARG A 104 12.00 -8.81 13.37
CA ARG A 104 11.98 -8.13 14.66
C ARG A 104 10.65 -8.24 15.38
N THR A 105 9.64 -8.82 14.73
N THR A 105 9.62 -8.78 14.73
CA THR A 105 8.30 -8.97 15.27
CA THR A 105 8.30 -8.89 15.33
C THR A 105 7.83 -10.41 15.08
C THR A 105 7.76 -10.31 15.36
N GLY A 106 6.64 -10.69 15.61
N GLY A 106 8.20 -11.17 14.44
CA GLY A 106 6.03 -11.99 15.40
CA GLY A 106 7.60 -12.46 14.26
C GLY A 106 5.19 -12.09 14.15
C GLY A 106 6.28 -12.45 13.52
N ALA A 107 5.30 -11.12 13.25
N ALA A 107 5.83 -11.30 13.05
CA ALA A 107 4.35 -11.00 12.14
CA ALA A 107 4.60 -11.24 12.27
C ALA A 107 4.58 -12.05 11.07
C ALA A 107 4.74 -12.05 10.99
N HIS A 108 3.47 -12.49 10.48
N HIS A 108 3.62 -12.47 10.44
CA HIS A 108 3.45 -13.16 9.19
CA HIS A 108 3.63 -13.15 9.15
C HIS A 108 3.08 -12.15 8.12
C HIS A 108 2.93 -12.29 8.10
N VAL A 109 3.35 -12.49 6.86
CA VAL A 109 2.92 -11.70 5.71
C VAL A 109 1.88 -12.49 4.93
N ALA A 110 0.78 -11.83 4.55
CA ALA A 110 -0.22 -12.42 3.66
C ALA A 110 -0.28 -11.58 2.41
N ALA A 111 -0.24 -12.22 1.24
CA ALA A 111 -0.25 -11.48 -0.01
C ALA A 111 -0.65 -12.42 -1.14
N ASN A 112 -1.08 -11.84 -2.26
CA ASN A 112 -1.39 -12.72 -3.39
C ASN A 112 -0.09 -13.23 -4.04
N ALA A 113 -0.25 -14.21 -4.95
CA ALA A 113 0.92 -14.87 -5.54
C ALA A 113 1.81 -13.89 -6.28
N GLU A 114 1.22 -12.96 -7.04
CA GLU A 114 2.04 -12.00 -7.76
C GLU A 114 2.85 -11.15 -6.79
N THR A 115 2.22 -10.66 -5.72
CA THR A 115 2.98 -9.87 -4.76
C THR A 115 4.03 -10.72 -4.08
N ALA A 116 3.70 -11.98 -3.79
CA ALA A 116 4.66 -12.85 -3.11
C ALA A 116 5.91 -13.07 -3.96
N VAL A 117 5.75 -13.27 -5.27
CA VAL A 117 6.95 -13.55 -6.08
C VAL A 117 7.79 -12.29 -6.26
N LEU A 118 7.16 -11.10 -6.30
CA LEU A 118 7.94 -9.86 -6.40
C LEU A 118 8.64 -9.55 -5.09
N LEU A 119 7.94 -9.76 -3.97
CA LEU A 119 8.54 -9.55 -2.66
C LEU A 119 9.73 -10.48 -2.45
N ALA A 120 9.60 -11.73 -2.92
CA ALA A 120 10.67 -12.71 -2.70
C ALA A 120 11.92 -12.41 -3.50
N ARG A 121 11.82 -11.61 -4.55
CA ARG A 121 13.04 -11.18 -5.22
C ARG A 121 13.40 -9.74 -4.89
N GLY A 122 12.82 -9.19 -3.82
CA GLY A 122 13.20 -7.86 -3.36
C GLY A 122 12.95 -6.79 -4.39
N GLY A 123 11.91 -6.94 -5.19
CA GLY A 123 11.63 -5.96 -6.22
C GLY A 123 12.55 -5.98 -7.42
N SER A 124 13.50 -6.91 -7.48
CA SER A 124 14.39 -7.00 -8.63
C SER A 124 13.64 -7.61 -9.81
N ASN A 125 14.22 -7.45 -11.00
CA ASN A 125 13.60 -7.90 -12.25
C ASN A 125 12.14 -7.42 -12.35
N ASP A 126 11.93 -6.18 -11.94
CA ASP A 126 10.62 -5.54 -12.06
C ASP A 126 10.23 -5.42 -13.53
N LEU A 127 8.92 -5.56 -13.80
CA LEU A 127 8.46 -5.51 -15.19
C LEU A 127 8.82 -4.19 -15.86
N HIS A 128 8.94 -3.11 -15.10
CA HIS A 128 9.22 -1.80 -15.68
C HIS A 128 10.49 -1.15 -15.17
N PHE A 129 10.90 -1.45 -13.93
CA PHE A 129 12.06 -0.82 -13.31
C PHE A 129 13.32 -1.66 -13.40
N GLY A 130 13.23 -2.89 -13.89
CA GLY A 130 14.42 -3.75 -13.89
C GLY A 130 14.93 -3.96 -12.47
N ASP A 131 16.23 -3.69 -12.27
CA ASP A 131 16.86 -3.80 -10.95
C ASP A 131 17.12 -2.45 -10.31
N GLY A 132 16.45 -1.39 -10.78
CA GLY A 132 16.78 -0.06 -10.30
C GLY A 132 16.20 0.29 -8.95
N ILE A 133 15.14 -0.38 -8.52
CA ILE A 133 14.41 -0.04 -7.31
C ILE A 133 14.18 -1.34 -6.55
N THR A 134 15.09 -1.67 -5.63
CA THR A 134 15.05 -2.95 -4.94
C THR A 134 15.14 -2.74 -3.43
N TYR A 135 14.93 -3.83 -2.71
CA TYR A 135 14.86 -3.81 -1.25
C TYR A 135 15.11 -5.22 -0.75
N PRO A 136 15.31 -5.42 0.55
CA PRO A 136 15.62 -6.77 1.05
C PRO A 136 14.46 -7.72 0.82
N PRO A 137 14.73 -8.89 0.23
CA PRO A 137 13.64 -9.83 -0.07
C PRO A 137 12.96 -10.32 1.20
N ALA A 138 11.67 -10.64 1.07
CA ALA A 138 10.91 -11.24 2.14
C ALA A 138 9.97 -12.28 1.55
N SER A 139 9.57 -13.22 2.39
CA SER A 139 8.67 -14.30 1.96
C SER A 139 7.27 -14.05 2.49
N ALA A 140 6.28 -14.33 1.64
CA ALA A 140 4.90 -14.35 2.08
C ALA A 140 4.61 -15.68 2.78
N ASP A 141 3.97 -15.62 3.94
CA ASP A 141 3.65 -16.82 4.69
C ASP A 141 2.29 -17.38 4.34
N ARG A 142 1.40 -16.56 3.79
CA ARG A 142 0.06 -16.96 3.43
C ARG A 142 -0.24 -16.36 2.07
N ILE A 143 -0.70 -17.19 1.14
CA ILE A 143 -1.09 -16.70 -0.18
C ILE A 143 -2.60 -16.46 -0.16
N ILE A 144 -3.03 -15.28 -0.61
CA ILE A 144 -4.46 -14.99 -0.59
C ILE A 144 -4.97 -14.82 -2.02
N MET A 145 -6.26 -15.12 -2.18
CA MET A 145 -6.96 -15.06 -3.45
C MET A 145 -7.87 -13.85 -3.48
N ASP A 146 -8.34 -13.51 -4.68
CA ASP A 146 -9.16 -12.32 -4.83
C ASP A 146 -10.46 -12.47 -4.04
N GLY A 147 -10.79 -11.45 -3.24
CA GLY A 147 -11.97 -11.50 -2.41
C GLY A 147 -11.83 -12.26 -1.11
N GLU A 148 -10.65 -12.83 -0.85
CA GLU A 148 -10.46 -13.59 0.38
C GLU A 148 -10.43 -12.66 1.58
N VAL A 149 -10.99 -13.14 2.69
CA VAL A 149 -11.09 -12.36 3.92
C VAL A 149 -10.04 -12.87 4.89
N VAL A 150 -9.25 -11.96 5.44
CA VAL A 150 -8.27 -12.27 6.49
C VAL A 150 -8.74 -11.56 7.75
N THR A 151 -8.84 -12.30 8.86
CA THR A 151 -9.43 -11.76 10.08
C THR A 151 -8.42 -11.81 11.21
N VAL A 152 -8.25 -10.67 11.91
CA VAL A 152 -7.40 -10.58 13.08
C VAL A 152 -8.20 -9.89 14.17
N GLY A 153 -8.26 -10.50 15.36
CA GLY A 153 -8.96 -9.93 16.48
C GLY A 153 -10.38 -9.54 16.14
N GLY A 154 -11.00 -10.29 15.23
CA GLY A 154 -12.36 -10.02 14.81
C GLY A 154 -12.52 -8.98 13.73
N ILE A 155 -11.45 -8.27 13.35
CA ILE A 155 -11.52 -7.31 12.25
C ILE A 155 -11.23 -8.06 10.95
N ALA A 156 -12.15 -7.95 10.00
CA ALA A 156 -12.06 -8.68 8.74
C ALA A 156 -11.53 -7.75 7.64
N PHE A 157 -10.44 -8.17 7.00
CA PHE A 157 -9.83 -7.44 5.89
C PHE A 157 -10.09 -8.22 4.62
N THR A 158 -10.70 -7.58 3.63
CA THR A 158 -11.02 -8.21 2.35
C THR A 158 -10.07 -7.71 1.28
N ALA A 159 -9.50 -8.63 0.52
CA ALA A 159 -8.58 -8.30 -0.57
C ALA A 159 -9.36 -8.11 -1.86
N HIS A 160 -9.04 -7.04 -2.59
CA HIS A 160 -9.64 -6.77 -3.90
C HIS A 160 -8.52 -6.59 -4.90
N PHE A 161 -8.30 -7.54 -5.79
CA PHE A 161 -7.16 -7.41 -6.69
C PHE A 161 -7.43 -6.28 -7.68
N MET A 162 -6.41 -5.45 -7.91
CA MET A 162 -6.50 -4.33 -8.85
C MET A 162 -5.19 -4.24 -9.60
N PRO A 163 -4.88 -5.24 -10.42
CA PRO A 163 -3.59 -5.26 -11.10
C PRO A 163 -3.40 -4.09 -12.05
N GLY A 164 -2.15 -3.71 -12.23
CA GLY A 164 -1.79 -2.70 -13.20
C GLY A 164 -0.49 -2.05 -12.78
N HIS A 165 -0.54 -1.28 -11.70
CA HIS A 165 0.68 -0.67 -11.20
C HIS A 165 1.75 -1.73 -10.90
N THR A 166 1.35 -2.84 -10.29
CA THR A 166 2.06 -4.11 -10.31
C THR A 166 1.03 -5.18 -10.61
N PRO A 167 1.46 -6.35 -11.10
CA PRO A 167 0.49 -7.44 -11.30
C PRO A 167 -0.23 -7.83 -10.02
N GLY A 168 0.40 -7.66 -8.87
CA GLY A 168 -0.17 -8.08 -7.61
C GLY A 168 -0.85 -6.98 -6.82
N SER A 169 -1.00 -5.80 -7.41
CA SER A 169 -1.62 -4.69 -6.70
C SER A 169 -2.97 -5.06 -6.10
N THR A 170 -3.16 -4.67 -4.84
CA THR A 170 -4.32 -5.09 -4.04
C THR A 170 -4.88 -3.90 -3.29
N ALA A 171 -6.20 -3.76 -3.30
CA ALA A 171 -6.91 -2.90 -2.37
C ALA A 171 -7.40 -3.73 -1.18
N TRP A 172 -7.28 -3.17 0.01
CA TRP A 172 -7.72 -3.83 1.23
C TRP A 172 -8.85 -3.02 1.83
N THR A 173 -9.96 -3.68 2.21
CA THR A 173 -11.06 -2.97 2.82
C THR A 173 -11.40 -3.60 4.17
N TRP A 174 -11.84 -2.75 5.10
CA TRP A 174 -12.32 -3.22 6.38
C TRP A 174 -13.25 -2.16 6.94
N THR A 175 -14.05 -2.56 7.91
CA THR A 175 -14.97 -1.65 8.57
C THR A 175 -14.48 -1.38 9.98
N ASP A 176 -14.15 -0.13 10.26
CA ASP A 176 -13.78 0.32 11.59
C ASP A 176 -14.97 1.08 12.17
N THR A 177 -14.77 1.78 13.28
CA THR A 177 -15.80 2.65 13.82
C THR A 177 -15.24 4.04 14.10
N ARG A 178 -16.10 5.04 14.13
N ARG A 178 -16.17 5.00 14.16
CA ARG A 178 -15.71 6.37 14.60
CA ARG A 178 -15.98 6.40 14.51
C ARG A 178 -16.60 6.63 15.80
C ARG A 178 -17.28 6.90 15.12
N ASP A 179 -16.03 6.48 17.00
N ASP A 179 -17.23 7.48 16.33
CA ASP A 179 -16.77 6.50 18.25
CA ASP A 179 -18.40 8.07 16.96
C ASP A 179 -17.94 5.51 18.22
C ASP A 179 -19.56 7.07 17.04
N GLY A 180 -17.63 4.30 17.76
N GLY A 180 -19.24 5.81 17.32
CA GLY A 180 -18.59 3.21 17.80
CA GLY A 180 -20.24 4.78 17.42
C GLY A 180 -19.43 3.01 16.55
C GLY A 180 -20.89 4.38 16.11
N LYS A 181 -19.46 3.98 15.61
N LYS A 181 -20.38 4.86 14.98
CA LYS A 181 -20.27 4.03 14.39
CA LYS A 181 -20.91 4.52 13.67
C LYS A 181 -19.48 3.55 13.18
C LYS A 181 -19.87 3.76 12.87
N PRO A 182 -20.07 2.72 12.31
N PRO A 182 -20.29 2.82 12.03
CA PRO A 182 -19.27 2.07 11.27
CA PRO A 182 -19.32 2.10 11.20
C PRO A 182 -18.70 3.05 10.25
C PRO A 182 -18.73 3.02 10.15
N VAL A 183 -17.46 2.80 9.85
CA VAL A 183 -16.78 3.53 8.78
C VAL A 183 -16.08 2.52 7.89
N ARG A 184 -16.50 2.44 6.64
CA ARG A 184 -15.94 1.48 5.70
C ARG A 184 -14.68 2.07 5.09
N ILE A 185 -13.51 1.54 5.49
CA ILE A 185 -12.24 2.07 5.04
C ILE A 185 -11.78 1.30 3.80
N ALA A 186 -11.33 2.03 2.79
CA ALA A 186 -10.76 1.41 1.60
C ALA A 186 -9.33 1.90 1.46
N TYR A 187 -8.37 0.97 1.56
CA TYR A 187 -6.96 1.28 1.32
C TYR A 187 -6.69 0.80 -0.10
N ALA A 188 -6.85 1.71 -1.07
CA ALA A 188 -6.73 1.36 -2.48
C ALA A 188 -5.31 1.57 -2.96
N ASP A 189 -4.82 0.63 -3.76
CA ASP A 189 -3.44 0.73 -4.21
C ASP A 189 -3.26 1.84 -5.26
N SER A 190 -2.00 2.10 -5.57
CA SER A 190 -1.64 3.04 -6.62
C SER A 190 -2.22 2.62 -7.97
N LEU A 191 -2.58 3.62 -8.77
CA LEU A 191 -3.07 3.44 -10.13
C LEU A 191 -2.21 4.19 -11.13
N SER A 192 -1.02 4.61 -10.72
CA SER A 192 -0.05 5.29 -11.55
C SER A 192 0.66 4.29 -12.44
N ALA A 193 1.32 4.82 -13.48
CA ALA A 193 2.10 4.00 -14.40
C ALA A 193 3.39 4.75 -14.73
N PRO A 194 4.23 5.02 -13.70
CA PRO A 194 5.34 5.97 -13.87
C PRO A 194 6.41 5.50 -14.84
N GLY A 195 6.46 6.11 -16.02
CA GLY A 195 7.42 5.72 -17.03
C GLY A 195 7.13 4.41 -17.72
N TYR A 196 5.96 3.81 -17.47
CA TYR A 196 5.67 2.50 -18.03
C TYR A 196 5.42 2.56 -19.52
N GLN A 197 5.87 1.54 -20.24
CA GLN A 197 5.36 1.26 -21.57
C GLN A 197 4.00 0.57 -21.43
N LEU A 198 2.94 1.23 -21.89
CA LEU A 198 1.59 0.71 -21.67
C LEU A 198 1.15 -0.23 -22.79
N LYS A 199 1.47 0.12 -24.04
CA LYS A 199 0.95 -0.58 -25.21
C LYS A 199 1.98 -1.58 -25.73
N GLY A 200 1.52 -2.78 -26.06
CA GLY A 200 2.39 -3.78 -26.67
C GLY A 200 3.60 -4.11 -25.82
N ASN A 201 3.41 -4.16 -24.51
CA ASN A 201 4.51 -4.44 -23.61
C ASN A 201 4.73 -5.95 -23.54
N PRO A 202 5.86 -6.46 -24.02
CA PRO A 202 6.02 -7.92 -24.05
C PRO A 202 6.08 -8.53 -22.67
N ARG A 203 6.47 -7.76 -21.65
CA ARG A 203 6.48 -8.31 -20.29
C ARG A 203 5.13 -8.19 -19.62
N TYR A 204 4.20 -7.44 -20.18
CA TYR A 204 2.87 -7.27 -19.57
C TYR A 204 1.87 -7.04 -20.70
N PRO A 205 1.54 -8.09 -21.46
CA PRO A 205 0.74 -7.89 -22.68
C PRO A 205 -0.66 -7.36 -22.44
N ARG A 206 -1.28 -7.65 -21.29
N ARG A 206 -1.28 -7.66 -21.29
CA ARG A 206 -2.65 -7.23 -21.01
CA ARG A 206 -2.65 -7.24 -21.01
C ARG A 206 -2.70 -6.08 -20.02
C ARG A 206 -2.69 -6.08 -20.02
N LEU A 207 -1.63 -5.28 -19.99
CA LEU A 207 -1.54 -4.19 -19.03
C LEU A 207 -2.73 -3.23 -19.14
N ILE A 208 -3.08 -2.81 -20.36
CA ILE A 208 -4.16 -1.83 -20.51
C ILE A 208 -5.48 -2.40 -20.01
N GLU A 209 -5.78 -3.65 -20.37
CA GLU A 209 -7.00 -4.29 -19.92
C GLU A 209 -7.04 -4.40 -18.40
N ASP A 210 -5.91 -4.70 -17.79
CA ASP A 210 -5.87 -4.81 -16.33
C ASP A 210 -6.12 -3.47 -15.64
N TYR A 211 -5.45 -2.41 -16.10
CA TYR A 211 -5.72 -1.09 -15.53
C TYR A 211 -7.18 -0.71 -15.68
N LYS A 212 -7.75 -0.94 -16.87
CA LYS A 212 -9.12 -0.52 -17.11
C LYS A 212 -10.09 -1.24 -16.19
N ARG A 213 -9.90 -2.55 -16.02
N ARG A 213 -9.89 -2.55 -16.02
CA ARG A 213 -10.72 -3.27 -15.05
CA ARG A 213 -10.70 -3.27 -15.05
C ARG A 213 -10.45 -2.78 -13.63
C ARG A 213 -10.45 -2.79 -13.63
N SER A 214 -9.21 -2.39 -13.33
CA SER A 214 -8.88 -1.97 -11.98
C SER A 214 -9.53 -0.63 -11.64
N PHE A 215 -9.66 0.29 -12.60
CA PHE A 215 -10.43 1.50 -12.33
C PHE A 215 -11.84 1.15 -11.89
N ALA A 216 -12.47 0.17 -12.55
CA ALA A 216 -13.83 -0.22 -12.20
C ALA A 216 -13.87 -0.88 -10.83
N THR A 217 -12.85 -1.68 -10.50
CA THR A 217 -12.78 -2.31 -9.19
C THR A 217 -12.73 -1.26 -8.09
N VAL A 218 -11.91 -0.24 -8.28
CA VAL A 218 -11.79 0.81 -7.27
C VAL A 218 -13.10 1.58 -7.12
N ARG A 219 -13.77 1.88 -8.25
N ARG A 219 -13.77 1.87 -8.25
CA ARG A 219 -15.03 2.60 -8.19
CA ARG A 219 -15.03 2.62 -8.18
C ARG A 219 -16.06 1.90 -7.31
C ARG A 219 -16.09 1.90 -7.36
N ALA A 220 -16.04 0.57 -7.32
CA ALA A 220 -17.07 -0.22 -6.67
C ALA A 220 -16.73 -0.58 -5.23
N LEU A 221 -15.57 -0.16 -4.72
CA LEU A 221 -15.19 -0.54 -3.37
C LEU A 221 -16.15 0.04 -2.33
N PRO A 222 -16.43 -0.69 -1.25
CA PRO A 222 -17.07 -0.07 -0.09
C PRO A 222 -16.14 0.98 0.50
N CYS A 223 -16.63 2.23 0.59
CA CYS A 223 -15.64 3.31 0.64
C CYS A 223 -16.18 4.58 1.31
N ASP A 224 -16.38 4.52 2.63
CA ASP A 224 -16.67 5.74 3.38
C ASP A 224 -15.44 6.63 3.51
N LEU A 225 -14.25 6.03 3.52
CA LEU A 225 -13.01 6.77 3.70
C LEU A 225 -11.93 6.07 2.88
N LEU A 226 -11.35 6.78 1.93
CA LEU A 226 -10.32 6.25 1.05
C LEU A 226 -8.96 6.69 1.56
N LEU A 227 -8.01 5.76 1.63
CA LEU A 227 -6.60 6.07 1.82
C LEU A 227 -5.79 5.40 0.72
N THR A 228 -4.60 5.94 0.44
CA THR A 228 -3.76 5.42 -0.63
C THR A 228 -2.31 5.36 -0.18
N PRO A 229 -1.50 4.48 -0.78
CA PRO A 229 -0.09 4.35 -0.35
C PRO A 229 0.69 5.66 -0.39
N HIS A 230 0.48 6.47 -1.41
CA HIS A 230 0.97 7.84 -1.43
C HIS A 230 -0.21 8.73 -1.06
N PRO A 231 -0.20 9.39 0.10
CA PRO A 231 -1.40 10.13 0.54
C PRO A 231 -1.85 11.19 -0.42
N GLY A 232 -0.91 11.81 -1.15
CA GLY A 232 -1.29 12.82 -2.13
C GLY A 232 -2.22 12.31 -3.20
N ALA A 233 -2.21 11.01 -3.48
CA ALA A 233 -3.03 10.46 -4.56
C ALA A 233 -4.51 10.54 -4.21
N SER A 234 -4.84 10.51 -2.93
CA SER A 234 -6.21 10.63 -2.48
C SER A 234 -6.46 11.94 -1.74
N ASN A 235 -5.53 12.90 -1.86
N ASN A 235 -5.52 12.90 -1.85
CA ASN A 235 -5.67 14.26 -1.31
CA ASN A 235 -5.65 14.25 -1.32
C ASN A 235 -5.65 14.29 0.21
C ASN A 235 -5.64 14.29 0.21
N TRP A 236 -4.96 13.35 0.84
CA TRP A 236 -4.72 13.43 2.27
C TRP A 236 -3.57 14.38 2.54
N ASN A 237 -3.57 14.94 3.77
CA ASN A 237 -2.52 15.87 4.21
C ASN A 237 -2.07 15.43 5.60
N TYR A 238 -1.20 14.41 5.67
CA TYR A 238 -0.85 13.82 6.96
C TYR A 238 -0.20 14.84 7.89
N ALA A 239 0.41 15.88 7.34
CA ALA A 239 1.16 16.82 8.18
C ALA A 239 0.27 17.75 9.00
N VAL A 240 -1.04 17.82 8.73
CA VAL A 240 -1.90 18.77 9.42
C VAL A 240 -2.83 18.09 10.44
N GLY A 241 -2.50 16.87 10.85
CA GLY A 241 -3.21 16.23 11.95
C GLY A 241 -4.71 16.08 11.79
N SER A 242 -5.48 16.85 12.55
CA SER A 242 -6.93 16.65 12.62
C SER A 242 -7.61 16.98 11.29
N LYS A 243 -7.03 17.86 10.48
CA LYS A 243 -7.60 18.18 9.18
C LYS A 243 -7.04 17.31 8.06
N ALA A 244 -6.31 16.24 8.41
CA ALA A 244 -5.59 15.47 7.39
C ALA A 244 -6.52 14.87 6.35
N SER A 245 -7.71 14.45 6.76
CA SER A 245 -8.64 13.76 5.87
C SER A 245 -9.62 14.70 5.17
N ALA A 246 -9.52 16.01 5.42
CA ALA A 246 -10.61 16.91 5.06
C ALA A 246 -10.88 16.90 3.55
N GLU A 247 -9.82 16.92 2.74
CA GLU A 247 -9.97 17.03 1.30
C GLU A 247 -9.92 15.68 0.60
N ALA A 248 -9.95 14.58 1.35
CA ALA A 248 -9.76 13.25 0.76
C ALA A 248 -10.81 12.99 -0.33
N LEU A 249 -10.33 12.38 -1.42
CA LEU A 249 -11.18 11.96 -2.52
C LEU A 249 -12.04 10.77 -2.12
N THR A 250 -13.16 10.62 -2.82
CA THR A 250 -13.87 9.35 -2.81
C THR A 250 -13.12 8.33 -3.67
N CYS A 251 -13.47 7.05 -3.49
CA CYS A 251 -12.94 6.03 -4.39
C CYS A 251 -13.33 6.33 -5.84
N ASN A 252 -14.56 6.78 -6.06
N ASN A 252 -14.54 6.81 -6.05
CA ASN A 252 -14.99 7.12 -7.41
CA ASN A 252 -14.98 7.10 -7.42
C ASN A 252 -14.11 8.20 -8.01
C ASN A 252 -14.17 8.23 -8.04
N ALA A 253 -13.84 9.26 -7.25
CA ALA A 253 -13.06 10.37 -7.80
C ALA A 253 -11.61 9.98 -7.99
N TYR A 254 -11.08 9.13 -7.08
CA TYR A 254 -9.71 8.65 -7.25
C TYR A 254 -9.57 7.83 -8.52
N ALA A 255 -10.51 6.90 -8.76
CA ALA A 255 -10.45 6.09 -9.98
C ALA A 255 -10.62 6.95 -11.22
N ASP A 256 -11.52 7.93 -11.17
CA ASP A 256 -11.73 8.80 -12.32
C ASP A 256 -10.48 9.60 -12.65
N ALA A 257 -9.86 10.20 -11.63
CA ALA A 257 -8.65 10.97 -11.87
C ALA A 257 -7.55 10.09 -12.42
N ALA A 258 -7.43 8.86 -11.90
CA ALA A 258 -6.39 7.95 -12.37
C ALA A 258 -6.64 7.53 -13.81
N GLU A 259 -7.90 7.31 -14.17
CA GLU A 259 -8.19 6.89 -15.55
C GLU A 259 -7.96 8.03 -16.53
N LYS A 260 -8.32 9.26 -16.15
CA LYS A 260 -8.03 10.38 -17.02
C LYS A 260 -6.52 10.54 -17.24
N LYS A 261 -5.72 10.40 -16.18
CA LYS A 261 -4.27 10.45 -16.33
C LYS A 261 -3.77 9.31 -17.21
N PHE A 262 -4.30 8.11 -16.99
CA PHE A 262 -3.90 6.94 -17.77
C PHE A 262 -4.22 7.14 -19.24
N ASP A 263 -5.44 7.61 -19.55
CA ASP A 263 -5.84 7.81 -20.94
C ASP A 263 -4.95 8.83 -21.62
N ALA A 264 -4.58 9.90 -20.91
CA ALA A 264 -3.70 10.91 -21.48
C ALA A 264 -2.31 10.35 -21.73
N GLN A 265 -1.78 9.59 -20.76
CA GLN A 265 -0.46 8.97 -20.94
C GLN A 265 -0.47 8.01 -22.11
N LEU A 266 -1.54 7.22 -22.26
CA LEU A 266 -1.62 6.30 -23.38
C LEU A 266 -1.64 7.06 -24.71
N ALA A 267 -2.36 8.18 -24.76
CA ALA A 267 -2.39 8.97 -26.00
C ALA A 267 -1.01 9.54 -26.29
N ARG A 268 -0.28 9.98 -25.26
CA ARG A 268 1.06 10.50 -25.47
C ARG A 268 2.01 9.40 -25.93
N GLU A 269 1.85 8.19 -25.40
CA GLU A 269 2.70 7.09 -25.81
C GLU A 269 2.49 6.77 -27.29
N THR A 270 1.22 6.77 -27.72
CA THR A 270 0.91 6.60 -29.14
C THR A 270 1.56 7.68 -29.99
N ALA A 271 1.64 8.91 -29.46
CA ALA A 271 2.29 9.98 -30.19
C ALA A 271 3.80 9.79 -30.23
N GLY A 272 4.40 9.49 -29.08
CA GLY A 272 5.84 9.29 -29.02
C GLY A 272 6.23 7.83 -29.11
C1 GLC B . 0.42 18.48 0.85
C2 GLC B . 0.03 19.96 0.97
C3 GLC B . -1.38 20.10 1.50
C4 GLC B . -2.33 19.30 0.61
C5 GLC B . -1.89 17.86 0.58
C6 GLC B . -2.85 17.13 -0.35
O2 GLC B . 0.94 20.64 1.84
O3 GLC B . -1.81 21.46 1.52
O4 GLC B . -3.65 19.33 1.12
O5 GLC B . -0.57 17.77 0.09
O6 GLC B . -2.40 15.80 -0.56
C1 FRU B . 2.92 17.98 2.63
C2 FRU B . 1.74 17.09 2.29
C3 FRU B . 1.52 16.06 3.35
C4 FRU B . 0.61 15.07 2.70
C5 FRU B . 1.41 14.93 1.43
C6 FRU B . 0.60 14.49 0.25
O1 FRU B . 4.03 17.19 3.03
O2 FRU B . 0.56 17.89 2.15
O3 FRU B . 0.90 16.64 4.43
O4 FRU B . 0.46 13.88 3.50
O5 FRU B . 1.96 16.24 1.17
O6 FRU B . 1.53 14.46 -0.83
C1 GLC C . -20.19 2.35 -3.88
C2 GLC C . -20.02 3.30 -5.05
C3 GLC C . -21.35 3.44 -5.78
C4 GLC C . -21.87 2.07 -6.19
C5 GLC C . -21.84 1.06 -5.04
C6 GLC C . -22.05 -0.35 -5.57
O2 GLC C . -19.61 4.55 -4.57
O3 GLC C . -21.16 4.24 -6.93
O4 GLC C . -23.21 2.20 -6.64
O5 GLC C . -20.59 1.09 -4.37
O6 GLC C . -20.79 -0.92 -5.87
C1 FRU C . -19.55 3.61 -1.36
C2 FRU C . -20.78 2.75 -1.65
C3 FRU C . -21.98 3.11 -0.78
C4 FRU C . -22.72 1.80 -0.68
C5 FRU C . -21.58 0.79 -0.69
C6 FRU C . -21.94 -0.55 -1.33
O1 FRU C . -19.08 3.34 -0.06
O2 FRU C . -21.15 2.89 -3.01
O3 FRU C . -22.77 4.12 -1.38
O4 FRU C . -23.49 1.72 0.49
O5 FRU C . -20.51 1.39 -1.38
O6 FRU C . -20.98 -1.51 -0.94
S SO4 D . -8.77 -16.17 8.49
O1 SO4 D . -7.86 -15.04 8.42
O2 SO4 D . -8.17 -17.22 9.30
O3 SO4 D . -10.03 -15.75 9.09
O4 SO4 D . -9.04 -16.67 7.14
C1 PEG E . 12.62 -3.82 -17.40
O1 PEG E . 11.84 -4.84 -18.05
C2 PEG E . 12.92 -2.71 -18.40
O2 PEG E . 11.70 -2.25 -19.00
C3 PEG E . 11.92 -1.13 -19.85
C4 PEG E . 11.08 -1.24 -21.12
O4 PEG E . 9.69 -1.32 -20.79
ZN ZN F . -11.69 5.40 21.41
C1 PNK G . 7.83 4.43 -7.62
C2 PNK G . 7.02 3.68 -8.63
C4 PNK G . 6.98 5.51 -6.93
C5 PNK G . 4.59 5.40 -7.40
C6 PNK G . 4.90 6.84 -7.83
C9 PNK G . 3.22 5.10 -6.82
C12 PNK G . 4.26 7.20 -9.16
N1 PNK G . 5.68 4.99 -6.53
O1 PNK G . 2.24 5.73 -7.28
O2 PNK G . 3.13 4.20 -5.93
O4 PNK G . 6.22 2.81 -8.26
O5 PNK G . 9.98 6.10 -6.58
C14 PNK G . 9.78 5.92 -7.76
N2 PNK G . 9.03 4.93 -8.25
S1 PNK G . 6.65 6.88 -8.01
C13 PNK G . 4.52 7.86 -6.77
ZN ZN H . 4.84 1.23 -6.89
ZN ZN I . 4.91 4.08 -4.55
#